data_2JGQ
#
_entry.id   2JGQ
#
_cell.length_a   128.167
_cell.length_b   76.657
_cell.length_c   49.187
_cell.angle_alpha   90.00
_cell.angle_beta   90.00
_cell.angle_gamma   90.00
#
_symmetry.space_group_name_H-M   'P 21 21 2'
#
loop_
_entity.id
_entity.type
_entity.pdbx_description
1 polymer 'TRIOSEPHOSPHATE ISOMERASE'
2 non-polymer 1-[(3-CYCLOHEXYLPROPANOYL)(2-HYDROXYETHYL)AMINO]-1-DEOXY-D-ALLITOL
3 non-polymer 'PHOSPHATE ION'
4 water water
#
_entity_poly.entity_id   1
_entity_poly.type   'polypeptide(L)'
_entity_poly.pdbx_seq_one_letter_code
;TKIAMANFKSAMPIFKSHAYLKELEKTLKPQHFDRVFVFPDFFGLLPNSFLHFTLGVQNAYPRDCGAFTGEITSKHLEEL
KIHTLLIGHSERRTLLKESPSFLKEKFDFFKSKNFKIVYCIGEELTTREKGFKAVKEFLSEQLENIDLNYPNLVVAYEPI
WAIGTKKSASLEDIYLTHGFLKQILNQKTPLLYGGSVNTQNAKEILGIDSVDGLLIGSASWELENFKTIISFL
;
_entity_poly.pdbx_strand_id   A,B
#
# COMPACT_ATOMS: atom_id res chain seq x y z
N THR A 1 -25.59 -18.29 12.72
CA THR A 1 -24.17 -18.64 12.41
C THR A 1 -23.21 -17.55 12.85
N LYS A 2 -21.96 -17.91 13.11
CA LYS A 2 -20.95 -16.93 13.50
C LYS A 2 -20.14 -16.46 12.29
N ILE A 3 -19.15 -15.62 12.53
CA ILE A 3 -18.34 -15.07 11.44
C ILE A 3 -16.99 -15.75 11.20
N ALA A 4 -16.56 -15.73 9.94
CA ALA A 4 -15.27 -16.29 9.53
C ALA A 4 -14.67 -15.34 8.49
N MET A 5 -13.52 -14.75 8.80
CA MET A 5 -12.88 -13.83 7.87
C MET A 5 -11.48 -14.27 7.50
N ALA A 6 -11.18 -14.28 6.20
CA ALA A 6 -9.86 -14.67 5.71
C ALA A 6 -8.96 -13.48 5.37
N ASN A 7 -7.79 -13.41 6.00
CA ASN A 7 -6.83 -12.35 5.74
C ASN A 7 -5.68 -12.99 4.97
N PHE A 8 -5.60 -12.69 3.68
CA PHE A 8 -4.55 -13.23 2.82
C PHE A 8 -3.21 -12.56 3.07
N LYS A 9 -3.22 -11.40 3.71
CA LYS A 9 -2.00 -10.66 3.96
C LYS A 9 -1.32 -10.47 2.60
N SER A 10 -0.02 -10.72 2.54
CA SER A 10 0.72 -10.58 1.29
C SER A 10 1.35 -11.93 0.97
N ALA A 11 0.60 -13.00 1.21
CA ALA A 11 1.10 -14.36 1.01
C ALA A 11 0.53 -15.14 -0.18
N MET A 12 -0.57 -14.65 -0.75
CA MET A 12 -1.21 -15.34 -1.87
C MET A 12 -0.79 -14.89 -3.27
N PRO A 13 -0.39 -15.83 -4.13
CA PRO A 13 0.00 -15.44 -5.49
C PRO A 13 -1.27 -14.89 -6.15
N ILE A 14 -1.12 -13.99 -7.12
CA ILE A 14 -2.27 -13.39 -7.79
C ILE A 14 -3.23 -14.39 -8.43
N PHE A 15 -2.69 -15.34 -9.19
CA PHE A 15 -3.55 -16.32 -9.85
C PHE A 15 -4.27 -17.20 -8.82
N LYS A 16 -3.53 -17.63 -7.79
CA LYS A 16 -4.11 -18.48 -6.77
C LYS A 16 -5.27 -17.80 -6.05
N SER A 17 -5.10 -16.50 -5.79
CA SER A 17 -6.13 -15.72 -5.11
C SER A 17 -7.39 -15.59 -5.97
N HIS A 18 -7.23 -15.28 -7.25
CA HIS A 18 -8.35 -15.14 -8.16
C HIS A 18 -9.20 -16.41 -8.26
N ALA A 19 -8.54 -17.55 -8.38
CA ALA A 19 -9.25 -18.83 -8.47
C ALA A 19 -9.96 -19.07 -7.16
N TYR A 20 -9.25 -18.83 -6.06
CA TYR A 20 -9.79 -19.00 -4.71
C TYR A 20 -11.15 -18.35 -4.62
N LEU A 21 -11.20 -17.07 -4.99
CA LEU A 21 -12.45 -16.32 -4.95
C LEU A 21 -13.56 -16.96 -5.77
N LYS A 22 -13.25 -17.27 -7.03
CA LYS A 22 -14.24 -17.88 -7.91
C LYS A 22 -14.75 -19.21 -7.34
N GLU A 23 -13.83 -20.05 -6.88
CA GLU A 23 -14.19 -21.34 -6.30
C GLU A 23 -15.09 -21.16 -5.09
N LEU A 24 -14.66 -20.30 -4.17
CA LEU A 24 -15.41 -20.03 -2.96
C LEU A 24 -16.83 -19.62 -3.34
N GLU A 25 -16.94 -18.69 -4.29
CA GLU A 25 -18.23 -18.22 -4.74
C GLU A 25 -19.15 -19.36 -5.20
N LYS A 26 -18.57 -20.41 -5.76
CA LYS A 26 -19.36 -21.53 -6.24
C LYS A 26 -19.71 -22.51 -5.13
N THR A 27 -18.82 -22.63 -4.15
CA THR A 27 -19.03 -23.54 -3.04
C THR A 27 -20.02 -23.01 -2.00
N LEU A 28 -20.09 -21.70 -1.85
CA LEU A 28 -20.99 -21.10 -0.87
C LEU A 28 -22.33 -20.65 -1.45
N LYS A 29 -23.26 -20.32 -0.57
CA LYS A 29 -24.59 -19.90 -1.00
C LYS A 29 -24.88 -18.49 -0.48
N PRO A 30 -26.05 -17.94 -0.83
CA PRO A 30 -26.39 -16.59 -0.38
C PRO A 30 -26.34 -16.40 1.15
N GLN A 31 -26.73 -17.43 1.91
CA GLN A 31 -26.73 -17.30 3.35
C GLN A 31 -25.35 -17.13 3.97
N HIS A 32 -24.30 -17.25 3.16
CA HIS A 32 -22.95 -17.09 3.67
C HIS A 32 -22.46 -15.66 3.47
N PHE A 33 -23.19 -14.91 2.64
CA PHE A 33 -22.81 -13.53 2.31
C PHE A 33 -22.36 -12.66 3.48
N ASP A 34 -23.17 -12.57 4.52
CA ASP A 34 -22.83 -11.74 5.68
C ASP A 34 -22.15 -12.52 6.80
N ARG A 35 -21.77 -13.77 6.53
CA ARG A 35 -21.11 -14.61 7.54
C ARG A 35 -19.64 -14.82 7.21
N VAL A 36 -19.34 -14.92 5.92
CA VAL A 36 -17.97 -15.15 5.49
C VAL A 36 -17.37 -13.96 4.77
N PHE A 37 -16.16 -13.59 5.18
CA PHE A 37 -15.44 -12.44 4.59
C PHE A 37 -14.06 -12.86 4.09
N VAL A 38 -13.63 -12.25 2.99
CA VAL A 38 -12.32 -12.52 2.40
C VAL A 38 -11.62 -11.20 2.09
N PHE A 39 -10.39 -11.06 2.58
CA PHE A 39 -9.59 -9.86 2.39
C PHE A 39 -8.29 -10.16 1.67
N PRO A 40 -8.32 -10.19 0.32
CA PRO A 40 -7.09 -10.47 -0.43
C PRO A 40 -6.31 -9.17 -0.64
N ASP A 41 -5.09 -9.26 -1.17
CA ASP A 41 -4.30 -8.06 -1.41
C ASP A 41 -4.82 -7.36 -2.66
N PHE A 42 -4.36 -6.12 -2.89
CA PHE A 42 -4.82 -5.34 -4.04
C PHE A 42 -4.77 -6.05 -5.39
N PHE A 43 -3.75 -6.89 -5.61
CA PHE A 43 -3.64 -7.61 -6.86
C PHE A 43 -4.56 -8.84 -6.89
N GLY A 44 -4.63 -9.53 -5.77
CA GLY A 44 -5.42 -10.74 -5.66
C GLY A 44 -6.92 -10.61 -5.64
N LEU A 45 -7.42 -9.40 -5.40
CA LEU A 45 -8.86 -9.21 -5.38
C LEU A 45 -9.41 -9.14 -6.80
N LEU A 46 -10.73 -8.99 -6.92
CA LEU A 46 -11.40 -8.89 -8.23
C LEU A 46 -12.62 -8.02 -8.03
N PRO A 47 -13.17 -7.47 -9.12
CA PRO A 47 -14.36 -6.64 -8.96
C PRO A 47 -15.34 -7.37 -8.05
N ASN A 48 -16.04 -6.64 -7.19
CA ASN A 48 -16.95 -7.29 -6.27
C ASN A 48 -18.28 -7.66 -6.92
N SER A 49 -18.36 -8.90 -7.38
CA SER A 49 -19.53 -9.45 -8.04
C SER A 49 -20.04 -10.63 -7.23
N PHE A 50 -19.34 -10.90 -6.12
CA PHE A 50 -19.66 -12.00 -5.24
C PHE A 50 -20.90 -11.76 -4.36
N LEU A 51 -21.79 -12.75 -4.35
CA LEU A 51 -23.03 -12.68 -3.59
C LEU A 51 -23.07 -13.73 -2.48
N HIS A 52 -22.02 -14.53 -2.39
CA HIS A 52 -21.97 -15.60 -1.40
C HIS A 52 -21.00 -15.35 -0.26
N PHE A 53 -20.27 -14.24 -0.33
CA PHE A 53 -19.32 -13.87 0.71
C PHE A 53 -18.97 -12.39 0.54
N THR A 54 -18.36 -11.78 1.56
CA THR A 54 -18.03 -10.36 1.49
C THR A 54 -16.57 -10.10 1.15
N LEU A 55 -16.36 -9.27 0.12
CA LEU A 55 -15.02 -8.90 -0.33
C LEU A 55 -14.58 -7.58 0.27
N GLY A 56 -13.40 -7.57 0.88
CA GLY A 56 -12.88 -6.36 1.47
C GLY A 56 -11.39 -6.22 1.19
N VAL A 57 -10.81 -5.07 1.50
CA VAL A 57 -9.39 -4.85 1.29
C VAL A 57 -8.70 -4.73 2.63
N GLN A 58 -7.40 -5.03 2.63
CA GLN A 58 -6.60 -5.01 3.84
C GLN A 58 -6.14 -3.63 4.30
N ASN A 59 -6.27 -2.64 3.42
CA ASN A 59 -5.85 -1.29 3.75
C ASN A 59 -6.27 -0.30 2.66
N ALA A 60 -6.17 0.98 2.98
CA ALA A 60 -6.51 2.03 2.03
C ALA A 60 -6.13 3.34 2.65
N TYR A 61 -5.93 4.36 1.83
CA TYR A 61 -5.58 5.69 2.33
C TYR A 61 -6.90 6.44 2.45
N PRO A 62 -7.09 7.16 3.58
CA PRO A 62 -8.32 7.92 3.84
C PRO A 62 -8.61 9.18 3.01
N ARG A 63 -8.61 9.03 1.69
CA ARG A 63 -8.92 10.14 0.80
C ARG A 63 -9.65 9.58 -0.43
N ASP A 64 -10.45 10.42 -1.08
CA ASP A 64 -11.19 10.00 -2.26
C ASP A 64 -10.24 9.58 -3.38
N CYS A 65 -9.21 10.39 -3.59
CA CYS A 65 -8.22 10.14 -4.63
C CYS A 65 -7.26 11.31 -4.59
N GLY A 66 -6.15 11.21 -5.31
CA GLY A 66 -5.20 12.31 -5.32
C GLY A 66 -3.73 11.91 -5.34
N ALA A 67 -2.89 12.87 -4.97
CA ALA A 67 -1.44 12.68 -4.94
C ALA A 67 -0.96 11.90 -3.72
N PHE A 68 -1.19 10.59 -3.74
CA PHE A 68 -0.78 9.72 -2.64
C PHE A 68 -0.06 8.52 -3.23
N THR A 69 1.16 8.78 -3.68
CA THR A 69 2.01 7.78 -4.32
C THR A 69 2.09 6.44 -3.60
N GLY A 70 1.72 5.38 -4.31
CA GLY A 70 1.77 4.03 -3.77
C GLY A 70 0.54 3.60 -2.98
N GLU A 71 -0.37 4.54 -2.75
CA GLU A 71 -1.58 4.29 -1.99
C GLU A 71 -2.83 4.05 -2.84
N ILE A 72 -3.81 3.39 -2.23
CA ILE A 72 -5.09 3.10 -2.87
C ILE A 72 -6.10 3.98 -2.14
N THR A 73 -6.98 4.63 -2.89
CA THR A 73 -7.99 5.51 -2.29
C THR A 73 -9.42 5.00 -2.48
N SER A 74 -10.37 5.63 -1.78
CA SER A 74 -11.78 5.21 -1.82
C SER A 74 -12.53 5.18 -3.15
N LYS A 75 -12.24 6.09 -4.06
CA LYS A 75 -12.95 6.06 -5.34
C LYS A 75 -12.66 4.73 -6.07
N HIS A 76 -11.42 4.27 -5.98
CA HIS A 76 -11.03 3.00 -6.60
C HIS A 76 -11.87 1.87 -6.04
N LEU A 77 -12.00 1.83 -4.71
CA LEU A 77 -12.77 0.78 -4.04
C LEU A 77 -14.24 0.86 -4.45
N GLU A 78 -14.73 2.08 -4.63
CA GLU A 78 -16.10 2.30 -5.04
C GLU A 78 -16.27 1.74 -6.46
N GLU A 79 -15.23 1.90 -7.28
CA GLU A 79 -15.25 1.40 -8.65
C GLU A 79 -15.30 -0.13 -8.65
N LEU A 80 -14.61 -0.73 -7.69
CA LEU A 80 -14.58 -2.19 -7.55
C LEU A 80 -15.76 -2.70 -6.74
N LYS A 81 -16.59 -1.78 -6.27
CA LYS A 81 -17.77 -2.12 -5.46
C LYS A 81 -17.41 -2.79 -4.15
N ILE A 82 -16.27 -2.40 -3.59
CA ILE A 82 -15.81 -2.95 -2.32
C ILE A 82 -16.11 -1.88 -1.27
N HIS A 83 -16.68 -2.30 -0.14
CA HIS A 83 -17.00 -1.35 0.92
C HIS A 83 -16.78 -1.93 2.31
N THR A 84 -15.73 -2.74 2.42
CA THR A 84 -15.36 -3.37 3.67
C THR A 84 -13.84 -3.23 3.79
N LEU A 85 -13.36 -2.88 4.98
CA LEU A 85 -11.93 -2.66 5.16
C LEU A 85 -11.36 -3.02 6.52
N LEU A 86 -10.10 -3.45 6.52
CA LEU A 86 -9.38 -3.77 7.75
C LEU A 86 -8.65 -2.51 8.20
N ILE A 87 -8.66 -2.23 9.49
CA ILE A 87 -7.96 -1.07 10.01
C ILE A 87 -7.26 -1.41 11.32
N GLY A 88 -6.01 -0.99 11.45
CA GLY A 88 -5.27 -1.24 12.67
C GLY A 88 -4.67 -2.62 12.87
N HIS A 89 -4.59 -3.43 11.82
CA HIS A 89 -3.98 -4.75 11.98
C HIS A 89 -2.59 -4.56 12.58
N SER A 90 -2.21 -5.45 13.48
CA SER A 90 -0.92 -5.37 14.14
C SER A 90 0.29 -5.16 13.22
N GLU A 91 0.29 -5.83 12.08
CA GLU A 91 1.40 -5.70 11.15
C GLU A 91 1.56 -4.27 10.61
N ARG A 92 0.46 -3.57 10.40
CA ARG A 92 0.53 -2.20 9.91
C ARG A 92 0.92 -1.22 11.02
N ARG A 93 0.42 -1.45 12.23
CA ARG A 93 0.76 -0.58 13.36
C ARG A 93 2.27 -0.63 13.61
N THR A 94 2.86 -1.83 13.53
CA THR A 94 4.28 -2.03 13.79
C THR A 94 5.23 -1.85 12.61
N LEU A 95 5.13 -2.72 11.60
CA LEU A 95 6.00 -2.66 10.45
C LEU A 95 5.83 -1.43 9.57
N LEU A 96 4.61 -0.93 9.47
CA LEU A 96 4.36 0.25 8.65
C LEU A 96 4.08 1.50 9.47
N LYS A 97 4.32 1.39 10.77
CA LYS A 97 4.14 2.46 11.72
C LYS A 97 2.92 3.34 11.58
N GLU A 98 1.74 2.72 11.66
CA GLU A 98 0.49 3.47 11.59
C GLU A 98 0.12 3.83 13.02
N SER A 99 0.27 5.11 13.35
CA SER A 99 -0.01 5.59 14.70
C SER A 99 -1.51 5.63 14.98
N PRO A 100 -1.87 5.86 16.25
CA PRO A 100 -3.29 5.93 16.62
C PRO A 100 -4.04 7.04 15.88
N SER A 101 -3.38 8.18 15.71
CA SER A 101 -4.00 9.30 15.03
C SER A 101 -4.30 8.95 13.57
N PHE A 102 -3.36 8.27 12.92
CA PHE A 102 -3.53 7.87 11.54
C PHE A 102 -4.69 6.88 11.43
N LEU A 103 -4.75 5.94 12.37
CA LEU A 103 -5.82 4.94 12.37
C LEU A 103 -7.17 5.63 12.60
N LYS A 104 -7.18 6.67 13.43
CA LYS A 104 -8.41 7.40 13.70
C LYS A 104 -8.83 8.14 12.44
N GLU A 105 -7.86 8.64 11.69
CA GLU A 105 -8.15 9.33 10.43
C GLU A 105 -8.85 8.37 9.48
N LYS A 106 -8.38 7.13 9.46
CA LYS A 106 -8.96 6.12 8.58
C LYS A 106 -10.36 5.73 9.02
N PHE A 107 -10.55 5.52 10.31
CA PHE A 107 -11.85 5.14 10.84
C PHE A 107 -12.88 6.21 10.50
N ASP A 108 -12.59 7.46 10.89
CA ASP A 108 -13.53 8.54 10.62
C ASP A 108 -13.87 8.66 9.13
N PHE A 109 -12.86 8.58 8.27
CA PHE A 109 -13.09 8.71 6.85
C PHE A 109 -13.96 7.60 6.27
N PHE A 110 -13.56 6.35 6.50
CA PHE A 110 -14.30 5.23 5.96
C PHE A 110 -15.66 5.04 6.62
N LYS A 111 -15.78 5.53 7.85
CA LYS A 111 -17.07 5.48 8.53
C LYS A 111 -17.99 6.44 7.78
N SER A 112 -17.46 7.60 7.39
CA SER A 112 -18.26 8.58 6.67
C SER A 112 -18.70 8.05 5.30
N LYS A 113 -18.02 7.02 4.82
CA LYS A 113 -18.34 6.40 3.54
C LYS A 113 -19.23 5.18 3.79
N ASN A 114 -19.67 5.01 5.04
CA ASN A 114 -20.52 3.90 5.41
C ASN A 114 -19.90 2.51 5.23
N PHE A 115 -18.58 2.43 5.25
CA PHE A 115 -17.88 1.16 5.09
C PHE A 115 -18.10 0.26 6.30
N LYS A 116 -17.99 -1.05 6.10
CA LYS A 116 -18.07 -1.97 7.21
C LYS A 116 -16.60 -1.98 7.62
N ILE A 117 -16.33 -1.62 8.87
CA ILE A 117 -14.96 -1.55 9.37
C ILE A 117 -14.59 -2.64 10.38
N VAL A 118 -13.55 -3.40 10.09
CA VAL A 118 -13.06 -4.43 11.01
C VAL A 118 -11.85 -3.81 11.68
N TYR A 119 -12.06 -3.25 12.87
CA TYR A 119 -11.00 -2.60 13.61
C TYR A 119 -10.25 -3.57 14.52
N CYS A 120 -8.94 -3.68 14.32
CA CYS A 120 -8.11 -4.61 15.09
C CYS A 120 -7.41 -4.04 16.31
N ILE A 121 -7.39 -4.82 17.38
CA ILE A 121 -6.71 -4.43 18.62
C ILE A 121 -6.01 -5.68 19.18
N GLY A 122 -5.09 -5.47 20.11
CA GLY A 122 -4.37 -6.58 20.70
C GLY A 122 -3.15 -6.10 21.46
N GLU A 123 -2.78 -6.79 22.53
CA GLU A 123 -1.64 -6.37 23.33
C GLU A 123 -0.42 -7.26 23.10
N GLU A 124 0.74 -6.76 23.48
CA GLU A 124 1.99 -7.50 23.36
C GLU A 124 2.06 -8.46 24.53
N LEU A 125 2.90 -9.47 24.43
CA LEU A 125 3.04 -10.46 25.49
C LEU A 125 3.46 -9.79 26.81
N THR A 126 4.34 -8.79 26.74
CA THR A 126 4.79 -8.09 27.94
C THR A 126 3.64 -7.49 28.75
N THR A 127 2.68 -6.88 28.05
CA THR A 127 1.52 -6.28 28.71
C THR A 127 0.75 -7.40 29.40
N ARG A 128 0.53 -8.48 28.65
CA ARG A 128 -0.18 -9.64 29.16
C ARG A 128 0.45 -10.09 30.47
N GLU A 129 1.78 -10.12 30.49
CA GLU A 129 2.53 -10.56 31.66
C GLU A 129 2.51 -9.59 32.85
N LYS A 130 2.04 -8.37 32.64
CA LYS A 130 2.00 -7.42 33.75
C LYS A 130 0.74 -7.59 34.60
N GLY A 131 -0.22 -8.37 34.10
CA GLY A 131 -1.42 -8.59 34.85
C GLY A 131 -2.71 -8.17 34.18
N PHE A 132 -3.83 -8.44 34.85
CA PHE A 132 -5.16 -8.13 34.34
C PHE A 132 -5.38 -6.63 34.14
N LYS A 133 -5.03 -5.82 35.13
CA LYS A 133 -5.21 -4.37 35.03
C LYS A 133 -4.48 -3.80 33.82
N ALA A 134 -3.25 -4.25 33.58
CA ALA A 134 -2.46 -3.75 32.47
C ALA A 134 -3.10 -4.07 31.11
N VAL A 135 -3.69 -5.25 30.99
CA VAL A 135 -4.33 -5.64 29.74
C VAL A 135 -5.62 -4.84 29.54
N LYS A 136 -6.41 -4.71 30.59
CA LYS A 136 -7.64 -3.95 30.51
C LYS A 136 -7.34 -2.51 30.11
N GLU A 137 -6.36 -1.89 30.77
CA GLU A 137 -6.00 -0.52 30.46
C GLU A 137 -5.54 -0.36 29.01
N PHE A 138 -4.63 -1.22 28.58
CA PHE A 138 -4.12 -1.14 27.22
C PHE A 138 -5.24 -1.29 26.21
N LEU A 139 -6.01 -2.37 26.30
CA LEU A 139 -7.10 -2.58 25.36
C LEU A 139 -8.15 -1.47 25.39
N SER A 140 -8.54 -1.03 26.58
CA SER A 140 -9.54 0.02 26.66
C SER A 140 -9.02 1.33 26.06
N GLU A 141 -7.70 1.53 26.12
CA GLU A 141 -7.11 2.73 25.54
C GLU A 141 -7.16 2.66 24.01
N GLN A 142 -7.01 1.44 23.47
CA GLN A 142 -7.05 1.28 22.02
C GLN A 142 -8.46 1.51 21.48
N LEU A 143 -9.46 1.12 22.25
CA LEU A 143 -10.86 1.27 21.84
C LEU A 143 -11.34 2.73 21.93
N GLU A 144 -10.62 3.53 22.69
CA GLU A 144 -10.96 4.94 22.86
C GLU A 144 -10.77 5.70 21.56
N ASN A 145 -9.91 5.14 20.71
CA ASN A 145 -9.57 5.74 19.42
C ASN A 145 -10.70 5.77 18.40
N ILE A 146 -11.74 4.98 18.61
CA ILE A 146 -12.84 4.92 17.65
C ILE A 146 -14.23 5.20 18.22
N ASP A 147 -15.24 5.09 17.36
CA ASP A 147 -16.62 5.30 17.75
C ASP A 147 -17.23 3.90 17.90
N LEU A 148 -17.31 3.45 19.14
CA LEU A 148 -17.82 2.12 19.46
C LEU A 148 -19.29 1.91 19.13
N ASN A 149 -20.00 2.99 18.79
CA ASN A 149 -21.41 2.88 18.49
C ASN A 149 -21.78 2.93 17.01
N TYR A 150 -20.77 3.05 16.17
CA TYR A 150 -20.99 3.04 14.72
C TYR A 150 -21.53 1.64 14.43
N PRO A 151 -22.79 1.52 13.99
CA PRO A 151 -23.35 0.20 13.71
C PRO A 151 -22.65 -0.72 12.70
N ASN A 152 -21.80 -0.18 11.83
CA ASN A 152 -21.13 -1.04 10.87
C ASN A 152 -19.71 -1.37 11.34
N LEU A 153 -19.53 -1.42 12.66
CA LEU A 153 -18.25 -1.73 13.26
C LEU A 153 -18.10 -3.18 13.67
N VAL A 154 -16.92 -3.74 13.44
CA VAL A 154 -16.59 -5.09 13.83
C VAL A 154 -15.25 -4.97 14.52
N VAL A 155 -15.12 -5.54 15.72
CA VAL A 155 -13.86 -5.48 16.43
C VAL A 155 -13.19 -6.85 16.43
N ALA A 156 -11.93 -6.87 16.04
CA ALA A 156 -11.16 -8.11 15.98
C ALA A 156 -10.05 -8.05 17.01
N TYR A 157 -10.14 -8.92 18.01
CA TYR A 157 -9.11 -8.96 19.04
C TYR A 157 -8.08 -10.01 18.65
N GLU A 158 -6.85 -9.55 18.43
CA GLU A 158 -5.76 -10.46 18.07
C GLU A 158 -4.57 -10.19 18.96
N PRO A 159 -4.40 -11.00 20.01
CA PRO A 159 -3.23 -10.73 20.85
C PRO A 159 -2.00 -10.83 19.94
N ILE A 160 -1.13 -9.83 19.99
CA ILE A 160 0.05 -9.79 19.15
C ILE A 160 0.91 -11.04 19.25
N TRP A 161 0.99 -11.60 20.45
CA TRP A 161 1.80 -12.78 20.69
C TRP A 161 1.20 -14.04 20.07
N ALA A 162 0.03 -13.91 19.47
CA ALA A 162 -0.64 -15.05 18.86
C ALA A 162 -0.73 -14.97 17.34
N ILE A 163 -0.33 -13.85 16.77
CA ILE A 163 -0.40 -13.69 15.32
C ILE A 163 0.78 -14.34 14.62
N GLY A 164 0.48 -15.28 13.72
CA GLY A 164 1.51 -15.97 12.97
C GLY A 164 2.34 -16.98 13.76
N THR A 165 1.75 -17.56 14.79
CA THR A 165 2.43 -18.54 15.64
C THR A 165 1.93 -19.96 15.38
N LYS A 166 2.51 -20.90 15.96
N SER A 168 -1.11 -19.49 19.56
CA SER A 168 -2.59 -19.40 19.78
C SER A 168 -3.00 -19.17 21.24
N ALA A 169 -3.80 -18.15 21.47
CA ALA A 169 -4.28 -17.81 22.81
C ALA A 169 -5.10 -18.95 23.44
N SER A 170 -4.94 -19.15 24.74
CA SER A 170 -5.67 -20.21 25.44
C SER A 170 -7.16 -19.88 25.55
N LEU A 171 -7.98 -20.89 25.77
CA LEU A 171 -9.41 -20.67 25.91
C LEU A 171 -9.67 -19.84 27.16
N GLU A 172 -8.87 -20.06 28.20
CA GLU A 172 -9.02 -19.30 29.42
C GLU A 172 -8.75 -17.84 29.07
N ASP A 173 -7.72 -17.62 28.26
CA ASP A 173 -7.35 -16.28 27.84
C ASP A 173 -8.47 -15.62 27.06
N ILE A 174 -8.96 -16.34 26.06
CA ILE A 174 -10.01 -15.81 25.21
C ILE A 174 -11.31 -15.57 25.97
N TYR A 175 -11.65 -16.48 26.87
CA TYR A 175 -12.87 -16.35 27.65
C TYR A 175 -12.85 -15.09 28.51
N LEU A 176 -11.76 -14.88 29.24
CA LEU A 176 -11.63 -13.72 30.12
C LEU A 176 -11.44 -12.40 29.39
N THR A 177 -10.57 -12.37 28.38
CA THR A 177 -10.33 -11.14 27.65
C THR A 177 -11.59 -10.69 26.92
N HIS A 178 -12.21 -11.60 26.16
CA HIS A 178 -13.45 -11.26 25.45
C HIS A 178 -14.56 -10.91 26.43
N GLY A 179 -14.52 -11.49 27.63
CA GLY A 179 -15.54 -11.21 28.63
C GLY A 179 -15.45 -9.77 29.05
N PHE A 180 -14.23 -9.27 29.16
CA PHE A 180 -14.01 -7.89 29.52
C PHE A 180 -14.41 -6.97 28.36
N LEU A 181 -13.94 -7.31 27.16
CA LEU A 181 -14.25 -6.50 25.99
C LEU A 181 -15.77 -6.35 25.80
N LYS A 182 -16.52 -7.40 26.07
CA LYS A 182 -17.98 -7.35 25.95
C LYS A 182 -18.60 -6.32 26.88
N GLN A 183 -17.87 -5.93 27.91
CA GLN A 183 -18.35 -4.92 28.86
C GLN A 183 -18.15 -3.51 28.32
N ILE A 184 -17.19 -3.37 27.40
CA ILE A 184 -16.87 -2.07 26.81
C ILE A 184 -17.53 -1.81 25.46
N LEU A 185 -17.78 -2.87 24.71
CA LEU A 185 -18.37 -2.74 23.38
C LEU A 185 -19.89 -2.73 23.35
N ASN A 186 -20.42 -2.18 22.25
CA ASN A 186 -21.85 -2.12 22.02
C ASN A 186 -22.24 -3.60 21.94
N GLN A 187 -23.37 -3.97 22.52
CA GLN A 187 -23.79 -5.36 22.48
C GLN A 187 -24.02 -5.85 21.05
N LYS A 188 -24.25 -4.93 20.13
CA LYS A 188 -24.49 -5.30 18.74
C LYS A 188 -23.22 -5.46 17.89
N THR A 189 -22.08 -5.02 18.43
CA THR A 189 -20.84 -5.14 17.68
C THR A 189 -20.25 -6.54 17.67
N PRO A 190 -20.03 -7.12 16.49
CA PRO A 190 -19.46 -8.47 16.48
C PRO A 190 -18.02 -8.40 17.00
N LEU A 191 -17.65 -9.34 17.87
CA LEU A 191 -16.30 -9.38 18.41
C LEU A 191 -15.60 -10.67 17.96
N LEU A 192 -14.61 -10.53 17.08
CA LEU A 192 -13.88 -11.68 16.55
C LEU A 192 -12.56 -11.97 17.26
N TYR A 193 -12.18 -13.24 17.29
CA TYR A 193 -10.90 -13.60 17.87
C TYR A 193 -10.00 -13.92 16.69
N GLY A 194 -8.75 -13.48 16.76
CA GLY A 194 -7.82 -13.78 15.69
C GLY A 194 -6.45 -14.06 16.28
N GLY A 195 -5.65 -14.85 15.58
CA GLY A 195 -4.32 -15.17 16.07
C GLY A 195 -4.03 -16.66 16.18
N SER A 196 -3.51 -17.23 15.10
CA SER A 196 -3.17 -18.65 15.03
C SER A 196 -4.39 -19.56 15.01
N VAL A 197 -5.49 -19.07 14.46
CA VAL A 197 -6.70 -19.89 14.36
C VAL A 197 -6.42 -20.90 13.25
N ASN A 198 -6.78 -22.17 13.47
CA ASN A 198 -6.59 -23.20 12.46
C ASN A 198 -7.73 -24.21 12.49
N THR A 199 -7.71 -25.16 11.57
CA THR A 199 -8.77 -26.18 11.51
C THR A 199 -8.87 -27.01 12.78
N GLN A 200 -7.79 -27.07 13.55
CA GLN A 200 -7.76 -27.86 14.79
C GLN A 200 -8.40 -27.19 16.00
N ASN A 201 -8.16 -25.90 16.19
CA ASN A 201 -8.70 -25.18 17.34
C ASN A 201 -9.90 -24.27 17.07
N ALA A 202 -10.33 -24.19 15.82
CA ALA A 202 -11.45 -23.32 15.46
C ALA A 202 -12.73 -23.62 16.25
N LYS A 203 -13.28 -24.81 16.06
CA LYS A 203 -14.52 -25.21 16.73
C LYS A 203 -14.53 -24.86 18.22
N GLU A 204 -13.45 -25.18 18.92
CA GLU A 204 -13.34 -24.88 20.34
C GLU A 204 -13.45 -23.38 20.58
N ILE A 205 -12.68 -22.60 19.82
CA ILE A 205 -12.70 -21.14 19.95
C ILE A 205 -14.12 -20.64 19.75
N LEU A 206 -14.81 -21.22 18.77
CA LEU A 206 -16.17 -20.82 18.45
C LEU A 206 -17.20 -21.19 19.51
N GLY A 207 -16.79 -22.02 20.47
CA GLY A 207 -17.69 -22.42 21.53
C GLY A 207 -17.84 -21.41 22.65
N ILE A 208 -16.98 -20.39 22.67
CA ILE A 208 -17.05 -19.34 23.70
C ILE A 208 -18.13 -18.33 23.29
N ASP A 209 -19.12 -18.14 24.16
CA ASP A 209 -20.22 -17.23 23.87
C ASP A 209 -19.82 -15.79 23.51
N SER A 210 -18.69 -15.33 24.06
CA SER A 210 -18.24 -13.97 23.77
C SER A 210 -17.37 -13.90 22.51
N VAL A 211 -17.41 -14.96 21.70
CA VAL A 211 -16.66 -15.04 20.45
C VAL A 211 -17.69 -15.05 19.34
N ASP A 212 -17.85 -13.93 18.64
CA ASP A 212 -18.83 -13.83 17.57
C ASP A 212 -18.30 -14.26 16.21
N GLY A 213 -17.00 -14.54 16.14
CA GLY A 213 -16.42 -14.94 14.88
C GLY A 213 -14.92 -15.07 14.92
N LEU A 214 -14.32 -15.28 13.76
CA LEU A 214 -12.88 -15.45 13.67
C LEU A 214 -12.26 -14.65 12.53
N LEU A 215 -11.02 -14.22 12.75
CA LEU A 215 -10.24 -13.51 11.74
C LEU A 215 -9.08 -14.48 11.52
N ILE A 216 -9.06 -15.14 10.37
CA ILE A 216 -8.02 -16.13 10.07
C ILE A 216 -6.97 -15.72 9.05
N GLY A 217 -5.72 -15.70 9.49
CA GLY A 217 -4.62 -15.33 8.62
C GLY A 217 -3.98 -16.51 7.91
N SER A 218 -2.86 -16.97 8.46
CA SER A 218 -2.10 -18.08 7.89
C SER A 218 -2.89 -19.31 7.46
N ALA A 219 -3.70 -19.85 8.36
CA ALA A 219 -4.47 -21.06 8.06
C ALA A 219 -5.43 -20.95 6.88
N SER A 220 -5.93 -19.76 6.60
CA SER A 220 -6.88 -19.56 5.51
C SER A 220 -6.32 -19.51 4.09
N TRP A 221 -5.00 -19.50 3.96
CA TRP A 221 -4.40 -19.44 2.63
C TRP A 221 -4.60 -20.71 1.81
N GLU A 222 -5.28 -21.69 2.40
CA GLU A 222 -5.60 -22.94 1.75
C GLU A 222 -7.12 -23.05 1.75
N LEU A 223 -7.73 -22.85 0.58
CA LEU A 223 -9.17 -22.89 0.43
C LEU A 223 -9.88 -23.96 1.26
N GLU A 224 -9.37 -25.19 1.20
CA GLU A 224 -9.99 -26.29 1.95
C GLU A 224 -10.00 -26.03 3.45
N ASN A 225 -8.92 -25.47 3.98
CA ASN A 225 -8.87 -25.16 5.41
C ASN A 225 -9.99 -24.19 5.75
N PHE A 226 -10.09 -23.12 4.95
CA PHE A 226 -11.13 -22.12 5.18
C PHE A 226 -12.50 -22.79 5.11
N LYS A 227 -12.71 -23.59 4.07
CA LYS A 227 -13.98 -24.30 3.89
C LYS A 227 -14.35 -25.07 5.16
N THR A 228 -13.37 -25.77 5.72
CA THR A 228 -13.59 -26.54 6.93
C THR A 228 -13.96 -25.64 8.10
N ILE A 229 -13.27 -24.51 8.25
CA ILE A 229 -13.57 -23.58 9.33
C ILE A 229 -15.00 -23.07 9.19
N ILE A 230 -15.38 -22.76 7.96
CA ILE A 230 -16.73 -22.29 7.70
C ILE A 230 -17.78 -23.28 8.20
N SER A 231 -17.47 -24.56 8.10
CA SER A 231 -18.40 -25.60 8.54
C SER A 231 -18.65 -25.59 10.04
N PHE A 232 -17.78 -24.94 10.81
CA PHE A 232 -17.94 -24.88 12.26
C PHE A 232 -18.76 -23.67 12.68
N LEU A 233 -18.99 -22.76 11.75
CA LEU A 233 -19.74 -21.54 12.03
C LEU A 233 -21.13 -21.78 12.57
N THR B 1 16.44 15.01 -20.58
CA THR B 1 16.91 15.22 -21.97
C THR B 1 16.57 14.03 -22.88
N LYS B 2 16.16 12.90 -22.29
CA LYS B 2 15.78 11.74 -23.11
C LYS B 2 14.77 10.83 -22.43
N ILE B 3 14.58 10.99 -21.12
CA ILE B 3 13.64 10.16 -20.38
C ILE B 3 12.42 10.89 -19.80
N ALA B 4 11.28 10.21 -19.85
CA ALA B 4 10.05 10.78 -19.31
C ALA B 4 9.30 9.69 -18.56
N MET B 5 9.00 9.94 -17.29
CA MET B 5 8.31 8.96 -16.47
C MET B 5 7.00 9.51 -15.94
N ALA B 6 5.94 8.70 -16.03
CA ALA B 6 4.65 9.13 -15.55
C ALA B 6 4.33 8.47 -14.20
N ASN B 7 3.88 9.28 -13.26
CA ASN B 7 3.50 8.81 -11.94
C ASN B 7 2.02 9.09 -11.77
N PHE B 8 1.21 8.03 -11.88
CA PHE B 8 -0.25 8.17 -11.76
C PHE B 8 -0.70 8.41 -10.32
N LYS B 9 0.19 8.16 -9.37
CA LYS B 9 -0.15 8.33 -7.96
C LYS B 9 -1.45 7.57 -7.71
N SER B 10 -2.37 8.19 -6.98
CA SER B 10 -3.65 7.54 -6.69
C SER B 10 -4.75 8.43 -7.27
N ALA B 11 -4.50 8.95 -8.47
CA ALA B 11 -5.43 9.86 -9.11
C ALA B 11 -6.21 9.33 -10.30
N MET B 12 -5.85 8.17 -10.82
CA MET B 12 -6.53 7.67 -12.00
C MET B 12 -7.51 6.52 -11.82
N PRO B 13 -8.71 6.63 -12.42
CA PRO B 13 -9.71 5.57 -12.32
C PRO B 13 -9.09 4.30 -12.92
N ILE B 14 -9.52 3.13 -12.43
CA ILE B 14 -8.98 1.87 -12.90
C ILE B 14 -9.16 1.65 -14.40
N PHE B 15 -10.38 1.82 -14.88
CA PHE B 15 -10.68 1.61 -16.29
C PHE B 15 -9.87 2.56 -17.15
N LYS B 16 -9.72 3.80 -16.71
CA LYS B 16 -8.95 4.77 -17.49
C LYS B 16 -7.48 4.36 -17.59
N SER B 17 -6.90 3.97 -16.46
CA SER B 17 -5.50 3.56 -16.43
C SER B 17 -5.24 2.43 -17.42
N HIS B 18 -6.09 1.40 -17.40
CA HIS B 18 -5.95 0.26 -18.31
C HIS B 18 -5.97 0.67 -19.78
N ALA B 19 -6.94 1.52 -20.13
CA ALA B 19 -7.07 1.99 -21.50
C ALA B 19 -5.86 2.85 -21.89
N TYR B 20 -5.32 3.59 -20.92
CA TYR B 20 -4.17 4.46 -21.12
C TYR B 20 -2.97 3.60 -21.53
N LEU B 21 -2.70 2.55 -20.77
CA LEU B 21 -1.58 1.66 -21.06
C LEU B 21 -1.68 1.02 -22.44
N LYS B 22 -2.85 0.52 -22.80
CA LYS B 22 -3.02 -0.11 -24.10
C LYS B 22 -2.82 0.89 -25.24
N GLU B 23 -3.44 2.06 -25.12
CA GLU B 23 -3.31 3.08 -26.14
C GLU B 23 -1.85 3.56 -26.28
N LEU B 24 -1.15 3.73 -25.16
CA LEU B 24 0.23 4.19 -25.23
C LEU B 24 1.07 3.16 -25.96
N GLU B 25 0.79 1.87 -25.71
CA GLU B 25 1.54 0.80 -26.37
C GLU B 25 1.38 0.84 -27.89
N LYS B 26 0.17 1.16 -28.34
CA LYS B 26 -0.10 1.23 -29.78
C LYS B 26 0.57 2.45 -30.42
N THR B 27 0.67 3.53 -29.66
CA THR B 27 1.26 4.76 -30.15
C THR B 27 2.79 4.74 -30.22
N LEU B 28 3.43 4.30 -29.15
CA LEU B 28 4.88 4.27 -29.13
C LEU B 28 5.47 3.06 -29.86
N LYS B 29 6.79 3.06 -30.03
CA LYS B 29 7.49 1.99 -30.72
C LYS B 29 8.57 1.41 -29.81
N PRO B 30 9.25 0.33 -30.26
CA PRO B 30 10.30 -0.29 -29.44
C PRO B 30 11.38 0.69 -28.97
N GLN B 31 11.61 1.73 -29.76
CA GLN B 31 12.62 2.73 -29.44
C GLN B 31 12.32 3.47 -28.14
N HIS B 32 11.04 3.49 -27.75
CA HIS B 32 10.63 4.16 -26.53
C HIS B 32 10.72 3.28 -25.28
N PHE B 33 10.94 1.98 -25.46
CA PHE B 33 10.99 1.06 -24.32
C PHE B 33 11.75 1.53 -23.09
N ASP B 34 13.04 1.82 -23.22
CA ASP B 34 13.81 2.26 -22.06
C ASP B 34 13.91 3.78 -21.89
N ARG B 35 13.04 4.52 -22.60
CA ARG B 35 13.01 5.98 -22.53
C ARG B 35 11.73 6.48 -21.86
N VAL B 36 10.63 5.74 -22.01
CA VAL B 36 9.34 6.13 -21.44
C VAL B 36 8.91 5.17 -20.33
N PHE B 37 8.51 5.75 -19.20
CA PHE B 37 8.09 4.98 -18.03
C PHE B 37 6.71 5.38 -17.52
N VAL B 38 5.95 4.39 -17.07
CA VAL B 38 4.62 4.63 -16.53
C VAL B 38 4.45 3.87 -15.22
N PHE B 39 4.02 4.57 -14.19
CA PHE B 39 3.81 4.00 -12.86
C PHE B 39 2.37 4.12 -12.39
N PRO B 40 1.51 3.16 -12.78
CA PRO B 40 0.11 3.22 -12.35
C PRO B 40 -0.04 2.67 -10.94
N ASP B 41 -1.20 2.92 -10.30
CA ASP B 41 -1.41 2.40 -8.95
C ASP B 41 -1.64 0.89 -9.08
N PHE B 42 -1.63 0.16 -7.97
CA PHE B 42 -1.79 -1.30 -8.02
C PHE B 42 -2.99 -1.82 -8.82
N PHE B 43 -4.10 -1.10 -8.79
CA PHE B 43 -5.29 -1.51 -9.53
C PHE B 43 -5.19 -1.15 -11.01
N GLY B 44 -4.69 0.05 -11.27
CA GLY B 44 -4.58 0.54 -12.63
C GLY B 44 -3.59 -0.10 -13.58
N LEU B 45 -2.73 -0.97 -13.07
CA LEU B 45 -1.74 -1.61 -13.92
C LEU B 45 -2.28 -2.89 -14.56
N LEU B 46 -1.46 -3.53 -15.40
CA LEU B 46 -1.83 -4.77 -16.07
C LEU B 46 -0.58 -5.63 -16.18
N PRO B 47 -0.73 -6.93 -16.49
CA PRO B 47 0.45 -7.78 -16.62
C PRO B 47 1.41 -7.09 -17.60
N ASN B 48 2.69 -7.07 -17.28
CA ASN B 48 3.67 -6.40 -18.12
C ASN B 48 4.05 -7.12 -19.41
N SER B 49 3.30 -6.85 -20.47
CA SER B 49 3.56 -7.44 -21.78
C SER B 49 3.91 -6.28 -22.73
N PHE B 50 4.18 -5.12 -22.16
CA PHE B 50 4.49 -3.93 -22.93
C PHE B 50 5.93 -3.88 -23.46
N LEU B 51 6.05 -3.61 -24.76
CA LEU B 51 7.35 -3.55 -25.41
C LEU B 51 7.74 -2.15 -25.87
N HIS B 52 6.84 -1.18 -25.69
CA HIS B 52 7.12 0.17 -26.13
C HIS B 52 7.28 1.20 -25.01
N PHE B 53 7.27 0.71 -23.77
CA PHE B 53 7.48 1.55 -22.59
C PHE B 53 7.65 0.63 -21.39
N THR B 54 8.27 1.14 -20.32
CA THR B 54 8.52 0.34 -19.14
C THR B 54 7.47 0.53 -18.06
N LEU B 55 6.91 -0.57 -17.60
CA LEU B 55 5.87 -0.56 -16.56
C LEU B 55 6.48 -0.71 -15.17
N GLY B 56 6.06 0.15 -14.25
CA GLY B 56 6.58 0.08 -12.90
C GLY B 56 5.53 0.32 -11.82
N VAL B 57 5.87 0.02 -10.57
CA VAL B 57 4.94 0.23 -9.46
C VAL B 57 5.45 1.37 -8.59
N GLN B 58 4.51 2.01 -7.89
CA GLN B 58 4.79 3.16 -7.03
C GLN B 58 5.34 2.83 -5.65
N ASN B 59 5.28 1.56 -5.25
CA ASN B 59 5.78 1.13 -3.95
C ASN B 59 5.63 -0.37 -3.82
N ALA B 60 6.26 -0.93 -2.79
CA ALA B 60 6.21 -2.36 -2.51
C ALA B 60 6.94 -2.59 -1.20
N TYR B 61 6.65 -3.71 -0.55
CA TYR B 61 7.30 -4.02 0.71
C TYR B 61 8.49 -4.92 0.37
N PRO B 62 9.65 -4.67 1.00
CA PRO B 62 10.90 -5.42 0.78
C PRO B 62 10.98 -6.86 1.31
N ARG B 63 10.09 -7.72 0.81
CA ARG B 63 10.06 -9.13 1.17
C ARG B 63 9.47 -9.86 -0.03
N ASP B 64 9.77 -11.15 -0.16
CA ASP B 64 9.27 -11.95 -1.27
C ASP B 64 7.78 -12.19 -1.16
N CYS B 65 7.31 -12.33 0.08
CA CYS B 65 5.90 -12.57 0.36
C CYS B 65 5.79 -12.81 1.86
N GLY B 66 4.57 -12.78 2.39
CA GLY B 66 4.44 -13.02 3.81
C GLY B 66 3.35 -12.29 4.56
N ALA B 67 3.48 -12.34 5.89
CA ALA B 67 2.53 -11.71 6.79
C ALA B 67 2.71 -10.20 6.87
N PHE B 68 2.31 -9.52 5.80
CA PHE B 68 2.43 -8.07 5.71
C PHE B 68 1.10 -7.49 5.20
N THR B 69 0.12 -7.47 6.10
CA THR B 69 -1.21 -6.98 5.79
C THR B 69 -1.22 -5.61 5.12
N GLY B 70 -1.90 -5.51 3.99
CA GLY B 70 -2.00 -4.26 3.26
C GLY B 70 -0.87 -3.98 2.27
N GLU B 71 0.18 -4.80 2.30
CA GLU B 71 1.32 -4.61 1.42
C GLU B 71 1.35 -5.54 0.21
N ILE B 72 2.11 -5.13 -0.80
CA ILE B 72 2.30 -5.93 -2.00
C ILE B 72 3.78 -6.31 -1.92
N THR B 73 4.11 -7.54 -2.31
CA THR B 73 5.50 -7.98 -2.21
C THR B 73 6.15 -8.43 -3.53
N SER B 74 7.45 -8.71 -3.44
CA SER B 74 8.29 -9.14 -4.56
C SER B 74 7.73 -10.18 -5.53
N LYS B 75 7.25 -11.31 -5.00
CA LYS B 75 6.70 -12.37 -5.85
C LYS B 75 5.52 -11.88 -6.70
N HIS B 76 4.73 -10.96 -6.15
CA HIS B 76 3.59 -10.41 -6.87
C HIS B 76 4.06 -9.70 -8.13
N LEU B 77 5.14 -8.94 -8.00
CA LEU B 77 5.66 -8.17 -9.13
C LEU B 77 6.28 -9.10 -10.17
N GLU B 78 6.81 -10.23 -9.70
CA GLU B 78 7.43 -11.20 -10.58
C GLU B 78 6.37 -11.84 -11.47
N GLU B 79 5.19 -12.11 -10.90
CA GLU B 79 4.09 -12.70 -11.67
C GLU B 79 3.63 -11.73 -12.76
N LEU B 80 3.62 -10.45 -12.43
CA LEU B 80 3.21 -9.42 -13.37
C LEU B 80 4.39 -9.02 -14.26
N LYS B 81 5.56 -9.59 -13.97
CA LYS B 81 6.79 -9.31 -14.71
C LYS B 81 7.16 -7.83 -14.66
N ILE B 82 7.10 -7.27 -13.45
CA ILE B 82 7.43 -5.88 -13.22
C ILE B 82 8.73 -5.86 -12.41
N HIS B 83 9.72 -5.12 -12.88
CA HIS B 83 10.99 -5.03 -12.18
C HIS B 83 11.51 -3.60 -12.16
N THR B 84 10.57 -2.66 -12.04
CA THR B 84 10.84 -1.22 -12.00
C THR B 84 10.02 -0.66 -10.85
N LEU B 85 10.66 0.13 -9.99
CA LEU B 85 10.00 0.65 -8.81
C LEU B 85 10.43 2.02 -8.33
N LEU B 86 9.48 2.75 -7.75
CA LEU B 86 9.76 4.06 -7.19
C LEU B 86 10.07 3.86 -5.70
N ILE B 87 11.03 4.61 -5.18
CA ILE B 87 11.37 4.52 -3.77
C ILE B 87 11.70 5.90 -3.24
N GLY B 88 11.16 6.23 -2.08
CA GLY B 88 11.46 7.52 -1.48
C GLY B 88 10.69 8.71 -2.00
N HIS B 89 9.60 8.49 -2.70
CA HIS B 89 8.83 9.63 -3.18
C HIS B 89 8.39 10.42 -1.95
N SER B 90 8.48 11.74 -2.05
CA SER B 90 8.13 12.64 -0.96
C SER B 90 6.81 12.30 -0.25
N GLU B 91 5.76 12.06 -1.02
CA GLU B 91 4.46 11.73 -0.45
C GLU B 91 4.49 10.53 0.52
N ARG B 92 5.37 9.57 0.27
CA ARG B 92 5.46 8.40 1.15
C ARG B 92 6.33 8.68 2.38
N ARG B 93 7.38 9.48 2.20
CA ARG B 93 8.27 9.81 3.31
C ARG B 93 7.52 10.57 4.40
N THR B 94 6.68 11.51 3.99
CA THR B 94 5.94 12.32 4.95
C THR B 94 4.58 11.75 5.37
N LEU B 95 3.67 11.57 4.42
CA LEU B 95 2.35 11.04 4.73
C LEU B 95 2.38 9.60 5.26
N LEU B 96 3.22 8.74 4.68
CA LEU B 96 3.30 7.36 5.17
C LEU B 96 4.47 7.14 6.12
N LYS B 97 5.18 8.21 6.45
CA LYS B 97 6.31 8.15 7.38
C LYS B 97 7.37 7.09 7.07
N GLU B 98 7.87 7.06 5.84
CA GLU B 98 8.89 6.09 5.48
C GLU B 98 10.26 6.69 5.80
N SER B 99 10.88 6.15 6.84
CA SER B 99 12.19 6.62 7.29
C SER B 99 13.34 6.20 6.37
N PRO B 100 14.49 6.88 6.50
CA PRO B 100 15.65 6.56 5.67
C PRO B 100 16.08 5.09 5.80
N SER B 101 16.05 4.56 7.02
CA SER B 101 16.42 3.16 7.22
C SER B 101 15.44 2.23 6.53
N PHE B 102 14.18 2.63 6.45
CA PHE B 102 13.17 1.81 5.79
C PHE B 102 13.41 1.88 4.29
N LEU B 103 13.71 3.08 3.80
CA LEU B 103 13.97 3.26 2.38
C LEU B 103 15.19 2.46 1.98
N LYS B 104 16.20 2.44 2.86
CA LYS B 104 17.42 1.71 2.57
C LYS B 104 17.12 0.21 2.52
N GLU B 105 16.20 -0.25 3.36
CA GLU B 105 15.83 -1.66 3.38
C GLU B 105 15.22 -2.02 2.02
N LYS B 106 14.35 -1.15 1.51
CA LYS B 106 13.71 -1.38 0.22
C LYS B 106 14.72 -1.32 -0.93
N PHE B 107 15.66 -0.38 -0.83
CA PHE B 107 16.69 -0.23 -1.85
C PHE B 107 17.56 -1.48 -1.94
N ASP B 108 18.13 -1.88 -0.82
CA ASP B 108 19.00 -3.06 -0.78
C ASP B 108 18.28 -4.33 -1.23
N PHE B 109 17.02 -4.46 -0.83
CA PHE B 109 16.25 -5.64 -1.20
C PHE B 109 16.02 -5.74 -2.70
N PHE B 110 15.48 -4.68 -3.30
CA PHE B 110 15.21 -4.70 -4.72
C PHE B 110 16.47 -4.55 -5.57
N LYS B 111 17.56 -4.09 -4.94
CA LYS B 111 18.84 -3.96 -5.62
C LYS B 111 19.28 -5.39 -5.93
N SER B 112 19.22 -6.24 -4.91
CA SER B 112 19.60 -7.64 -5.05
C SER B 112 18.87 -8.31 -6.19
N LYS B 113 17.65 -7.88 -6.46
CA LYS B 113 16.86 -8.48 -7.54
C LYS B 113 16.98 -7.76 -8.88
N ASN B 114 17.96 -6.88 -9.00
CA ASN B 114 18.21 -6.14 -10.24
C ASN B 114 17.07 -5.25 -10.73
N PHE B 115 16.24 -4.78 -9.82
CA PHE B 115 15.13 -3.91 -10.18
C PHE B 115 15.69 -2.57 -10.60
N LYS B 116 15.02 -1.90 -11.54
CA LYS B 116 15.47 -0.58 -11.93
C LYS B 116 14.85 0.28 -10.83
N ILE B 117 15.69 1.03 -10.14
CA ILE B 117 15.21 1.85 -9.03
C ILE B 117 15.20 3.33 -9.33
N VAL B 118 14.07 3.97 -9.03
CA VAL B 118 13.94 5.40 -9.23
C VAL B 118 13.88 6.00 -7.82
N TYR B 119 15.04 6.38 -7.31
CA TYR B 119 15.16 6.96 -5.97
C TYR B 119 14.89 8.47 -6.01
N CYS B 120 13.87 8.89 -5.27
CA CYS B 120 13.48 10.28 -5.22
C CYS B 120 14.09 11.02 -4.04
N ILE B 121 14.47 12.27 -4.28
CA ILE B 121 15.06 13.14 -3.27
C ILE B 121 14.59 14.56 -3.57
N GLY B 122 14.46 15.38 -2.55
CA GLY B 122 14.01 16.75 -2.76
C GLY B 122 13.89 17.45 -1.42
N GLU B 123 14.22 18.74 -1.37
CA GLU B 123 14.16 19.44 -0.10
C GLU B 123 12.87 20.22 0.13
N GLU B 124 12.59 20.49 1.40
CA GLU B 124 11.41 21.24 1.80
C GLU B 124 11.64 22.71 1.42
N LEU B 125 10.55 23.48 1.34
CA LEU B 125 10.66 24.90 1.01
C LEU B 125 11.50 25.62 2.07
N THR B 126 11.31 25.21 3.32
CA THR B 126 12.03 25.81 4.44
C THR B 126 13.54 25.73 4.22
N THR B 127 13.99 24.59 3.69
CA THR B 127 15.40 24.37 3.43
C THR B 127 15.88 25.24 2.27
N ARG B 128 15.07 25.35 1.23
CA ARG B 128 15.41 26.18 0.08
C ARG B 128 15.52 27.63 0.58
N GLU B 129 14.66 27.99 1.52
CA GLU B 129 14.64 29.34 2.09
C GLU B 129 16.02 29.72 2.64
N LYS B 130 16.60 28.84 3.45
CA LYS B 130 17.91 29.08 4.04
C LYS B 130 18.93 29.48 2.98
N GLY B 131 19.19 28.59 2.03
CA GLY B 131 20.15 28.89 0.98
C GLY B 131 20.64 27.65 0.26
N PHE B 132 21.24 27.84 -0.92
CA PHE B 132 21.75 26.72 -1.70
C PHE B 132 22.66 25.81 -0.90
N LYS B 133 23.45 26.37 0.02
CA LYS B 133 24.33 25.56 0.83
C LYS B 133 23.49 24.65 1.71
N ALA B 134 22.31 25.13 2.09
CA ALA B 134 21.41 24.35 2.92
C ALA B 134 20.89 23.13 2.15
N VAL B 135 20.41 23.36 0.93
CA VAL B 135 19.88 22.29 0.11
C VAL B 135 20.96 21.26 -0.24
N LYS B 136 22.15 21.75 -0.57
CA LYS B 136 23.26 20.87 -0.93
C LYS B 136 23.56 19.89 0.19
N GLU B 137 23.54 20.39 1.42
CA GLU B 137 23.81 19.55 2.57
C GLU B 137 22.66 18.58 2.82
N PHE B 138 21.43 19.06 2.66
CA PHE B 138 20.25 18.23 2.86
C PHE B 138 20.20 17.11 1.82
N LEU B 139 20.42 17.46 0.56
CA LEU B 139 20.40 16.48 -0.50
C LEU B 139 21.48 15.43 -0.27
N SER B 140 22.67 15.87 0.12
CA SER B 140 23.78 14.96 0.36
C SER B 140 23.39 13.89 1.38
N GLU B 141 22.78 14.31 2.48
CA GLU B 141 22.37 13.36 3.49
C GLU B 141 21.36 12.34 2.93
N GLN B 142 20.49 12.78 2.03
CA GLN B 142 19.53 11.85 1.46
C GLN B 142 20.22 10.85 0.53
N LEU B 143 21.26 11.29 -0.18
CA LEU B 143 21.96 10.40 -1.08
C LEU B 143 22.88 9.48 -0.28
N GLU B 144 23.24 9.94 0.91
CA GLU B 144 24.11 9.20 1.82
C GLU B 144 23.49 7.85 2.17
N ASN B 145 22.17 7.75 1.97
CA ASN B 145 21.41 6.56 2.32
C ASN B 145 21.41 5.36 1.37
N ILE B 146 22.06 5.45 0.22
CA ILE B 146 22.05 4.33 -0.73
C ILE B 146 23.39 4.09 -1.43
N ASP B 147 23.42 3.13 -2.35
CA ASP B 147 24.62 2.82 -3.11
C ASP B 147 24.53 3.52 -4.47
N LEU B 148 25.27 4.63 -4.60
CA LEU B 148 25.26 5.41 -5.82
C LEU B 148 25.82 4.70 -7.04
N ASN B 149 26.54 3.59 -6.84
CA ASN B 149 27.12 2.86 -7.96
C ASN B 149 26.23 1.77 -8.50
N TYR B 150 25.07 1.55 -7.87
CA TYR B 150 24.14 0.53 -8.36
C TYR B 150 23.87 0.80 -9.83
N PRO B 151 24.25 -0.15 -10.70
CA PRO B 151 24.04 -0.01 -12.14
C PRO B 151 22.62 0.30 -12.63
N ASN B 152 21.60 -0.18 -11.91
CA ASN B 152 20.22 0.06 -12.34
C ASN B 152 19.52 1.17 -11.56
N LEU B 153 20.29 2.15 -11.10
CA LEU B 153 19.75 3.27 -10.33
C LEU B 153 19.42 4.49 -11.19
N VAL B 154 18.34 5.16 -10.81
CA VAL B 154 17.89 6.38 -11.45
C VAL B 154 17.54 7.31 -10.30
N VAL B 155 18.07 8.52 -10.30
CA VAL B 155 17.78 9.47 -9.24
C VAL B 155 16.81 10.52 -9.79
N ALA B 156 15.79 10.84 -9.01
CA ALA B 156 14.82 11.83 -9.41
C ALA B 156 14.82 12.99 -8.43
N TYR B 157 15.31 14.15 -8.88
CA TYR B 157 15.32 15.32 -7.99
C TYR B 157 13.96 15.97 -8.12
N GLU B 158 13.23 16.04 -7.01
CA GLU B 158 11.90 16.62 -7.01
C GLU B 158 11.66 17.54 -5.82
N PRO B 159 11.88 18.85 -6.00
CA PRO B 159 11.68 19.83 -4.93
C PRO B 159 10.28 19.67 -4.34
N ILE B 160 10.20 19.31 -3.06
CA ILE B 160 8.93 19.13 -2.38
C ILE B 160 7.99 20.32 -2.58
N TRP B 161 8.56 21.52 -2.52
CA TRP B 161 7.76 22.73 -2.68
C TRP B 161 7.27 22.95 -4.11
N ALA B 162 7.71 22.10 -5.04
CA ALA B 162 7.27 22.24 -6.42
C ALA B 162 6.34 21.09 -6.84
N ILE B 163 6.05 20.20 -5.91
CA ILE B 163 5.19 19.06 -6.22
C ILE B 163 3.71 19.43 -6.11
N GLY B 164 3.02 19.36 -7.24
CA GLY B 164 1.60 19.65 -7.28
C GLY B 164 1.18 21.10 -7.32
N THR B 165 1.97 21.95 -7.97
CA THR B 165 1.67 23.37 -8.09
C THR B 165 1.54 23.78 -9.55
N LYS B 166 1.52 25.01 -9.84
N SER B 168 6.51 25.10 -10.43
CA SER B 168 7.74 24.48 -10.98
C SER B 168 9.01 25.24 -10.59
N ALA B 169 10.08 24.51 -10.35
CA ALA B 169 11.35 25.10 -9.97
C ALA B 169 11.88 25.91 -11.16
N SER B 170 12.61 26.97 -10.88
CA SER B 170 13.15 27.81 -11.95
C SER B 170 14.25 27.04 -12.67
N LEU B 171 14.49 27.37 -13.93
CA LEU B 171 15.51 26.72 -14.72
C LEU B 171 16.85 26.92 -14.04
N GLU B 172 16.99 28.07 -13.39
CA GLU B 172 18.20 28.44 -12.67
C GLU B 172 18.48 27.48 -11.50
N ASP B 173 17.49 27.27 -10.65
CA ASP B 173 17.64 26.36 -9.51
C ASP B 173 17.86 24.92 -9.97
N ILE B 174 17.28 24.55 -11.11
CA ILE B 174 17.44 23.20 -11.65
C ILE B 174 18.87 23.06 -12.16
N TYR B 175 19.32 24.06 -12.91
CA TYR B 175 20.66 24.07 -13.45
C TYR B 175 21.69 23.96 -12.31
N LEU B 176 21.48 24.71 -11.24
CA LEU B 176 22.40 24.69 -10.11
C LEU B 176 22.30 23.41 -9.27
N THR B 177 21.10 23.06 -8.83
CA THR B 177 20.94 21.87 -8.01
C THR B 177 21.38 20.60 -8.75
N HIS B 178 21.02 20.48 -10.03
CA HIS B 178 21.42 19.31 -10.80
C HIS B 178 22.94 19.38 -11.01
N GLY B 179 23.44 20.59 -11.25
CA GLY B 179 24.87 20.78 -11.44
C GLY B 179 25.61 20.21 -10.25
N PHE B 180 25.10 20.48 -9.05
CA PHE B 180 25.69 19.98 -7.82
C PHE B 180 25.58 18.46 -7.74
N LEU B 181 24.38 17.95 -8.00
CA LEU B 181 24.13 16.51 -7.96
C LEU B 181 25.03 15.75 -8.92
N LYS B 182 25.35 16.35 -10.06
CA LYS B 182 26.22 15.70 -11.03
C LYS B 182 27.66 15.60 -10.52
N GLN B 183 27.96 16.29 -9.43
CA GLN B 183 29.31 16.24 -8.88
C GLN B 183 29.55 15.09 -7.91
N ILE B 184 28.48 14.46 -7.40
CA ILE B 184 28.64 13.32 -6.50
C ILE B 184 28.07 12.04 -7.09
N LEU B 185 27.11 12.16 -8.00
CA LEU B 185 26.50 10.99 -8.62
C LEU B 185 27.42 10.33 -9.65
N ASN B 186 27.21 9.03 -9.88
CA ASN B 186 27.99 8.32 -10.86
C ASN B 186 27.60 8.95 -12.19
N GLN B 187 28.60 9.17 -13.06
CA GLN B 187 28.39 9.80 -14.35
C GLN B 187 27.28 9.17 -15.19
N LYS B 188 27.15 7.85 -15.11
CA LYS B 188 26.16 7.13 -15.89
C LYS B 188 24.75 7.05 -15.30
N THR B 189 24.56 7.59 -14.11
CA THR B 189 23.25 7.54 -13.47
C THR B 189 22.31 8.60 -14.03
N PRO B 190 21.14 8.18 -14.55
CA PRO B 190 20.19 9.14 -15.10
C PRO B 190 19.64 10.00 -13.97
N LEU B 191 19.70 11.33 -14.14
CA LEU B 191 19.19 12.25 -13.12
C LEU B 191 17.96 12.99 -13.68
N LEU B 192 16.80 12.69 -13.11
CA LEU B 192 15.55 13.30 -13.56
C LEU B 192 15.11 14.50 -12.74
N TYR B 193 14.24 15.30 -13.34
CA TYR B 193 13.66 16.44 -12.66
C TYR B 193 12.16 16.20 -12.63
N GLY B 194 11.54 16.51 -11.49
CA GLY B 194 10.10 16.35 -11.36
C GLY B 194 9.57 17.42 -10.43
N GLY B 195 8.30 17.76 -10.59
CA GLY B 195 7.70 18.78 -9.75
C GLY B 195 7.06 19.85 -10.60
N SER B 196 5.78 19.66 -10.90
CA SER B 196 5.02 20.58 -11.72
C SER B 196 5.49 20.64 -13.18
N VAL B 197 6.01 19.53 -13.68
CA VAL B 197 6.45 19.48 -15.08
C VAL B 197 5.17 19.41 -15.91
N ASN B 198 5.08 20.24 -16.95
CA ASN B 198 3.91 20.24 -17.82
C ASN B 198 4.33 20.57 -19.24
N THR B 199 3.38 20.44 -20.17
CA THR B 199 3.66 20.70 -21.57
C THR B 199 4.29 22.07 -21.85
N GLN B 200 4.05 23.02 -20.95
CA GLN B 200 4.57 24.38 -21.10
C GLN B 200 6.04 24.57 -20.72
N ASN B 201 6.51 23.86 -19.70
CA ASN B 201 7.90 23.99 -19.27
C ASN B 201 8.77 22.79 -19.60
N ALA B 202 8.15 21.73 -20.08
CA ALA B 202 8.86 20.50 -20.42
C ALA B 202 10.10 20.71 -21.29
N LYS B 203 9.91 21.34 -22.45
CA LYS B 203 11.00 21.57 -23.39
C LYS B 203 12.19 22.31 -22.79
N GLU B 204 11.92 23.37 -22.03
CA GLU B 204 13.02 24.12 -21.42
C GLU B 204 13.76 23.32 -20.37
N ILE B 205 13.04 22.63 -19.50
CA ILE B 205 13.69 21.82 -18.46
C ILE B 205 14.63 20.86 -19.18
N LEU B 206 14.09 20.17 -20.19
CA LEU B 206 14.85 19.20 -20.98
C LEU B 206 16.06 19.80 -21.69
N GLY B 207 16.08 21.13 -21.83
CA GLY B 207 17.18 21.79 -22.49
C GLY B 207 18.44 21.86 -21.65
N ILE B 208 18.29 21.64 -20.35
CA ILE B 208 19.41 21.67 -19.42
C ILE B 208 20.23 20.40 -19.50
N ASP B 209 21.55 20.56 -19.66
CA ASP B 209 22.46 19.42 -19.78
C ASP B 209 22.46 18.47 -18.60
N SER B 210 22.26 19.00 -17.39
CA SER B 210 22.27 18.16 -16.21
C SER B 210 20.91 17.51 -15.91
N VAL B 211 19.97 17.67 -16.84
CA VAL B 211 18.64 17.07 -16.70
C VAL B 211 18.59 15.92 -17.69
N ASP B 212 18.54 14.68 -17.19
CA ASP B 212 18.49 13.51 -18.06
C ASP B 212 17.08 13.10 -18.39
N GLY B 213 16.11 13.62 -17.65
CA GLY B 213 14.72 13.28 -17.90
C GLY B 213 13.76 13.95 -16.95
N LEU B 214 12.50 13.53 -17.01
CA LEU B 214 11.47 14.12 -16.19
C LEU B 214 10.60 13.08 -15.49
N LEU B 215 10.15 13.41 -14.28
CA LEU B 215 9.26 12.55 -13.52
C LEU B 215 8.00 13.41 -13.51
N ILE B 216 7.01 12.99 -14.28
CA ILE B 216 5.78 13.75 -14.43
C ILE B 216 4.59 13.20 -13.67
N GLY B 217 4.02 14.05 -12.81
CA GLY B 217 2.88 13.66 -12.02
C GLY B 217 1.53 14.04 -12.61
N SER B 218 0.87 15.01 -12.00
CA SER B 218 -0.45 15.45 -12.46
C SER B 218 -0.62 15.67 -13.96
N ALA B 219 0.40 16.20 -14.62
CA ALA B 219 0.32 16.46 -16.05
C ALA B 219 0.29 15.19 -16.90
N SER B 220 0.69 14.06 -16.34
CA SER B 220 0.69 12.82 -17.12
C SER B 220 -0.67 12.13 -17.07
N TRP B 221 -1.54 12.58 -16.17
CA TRP B 221 -2.86 11.96 -16.04
C TRP B 221 -3.71 12.07 -17.30
N GLU B 222 -3.33 12.99 -18.19
CA GLU B 222 -4.02 13.17 -19.46
C GLU B 222 -3.04 12.63 -20.51
N LEU B 223 -3.40 11.53 -21.16
CA LEU B 223 -2.54 10.90 -22.15
C LEU B 223 -1.94 11.86 -23.18
N GLU B 224 -2.76 12.77 -23.70
CA GLU B 224 -2.26 13.71 -24.70
C GLU B 224 -1.13 14.58 -24.16
N ASN B 225 -1.19 14.94 -22.89
CA ASN B 225 -0.13 15.75 -22.30
C ASN B 225 1.15 14.92 -22.27
N PHE B 226 1.02 13.65 -21.91
CA PHE B 226 2.18 12.79 -21.82
C PHE B 226 2.83 12.58 -23.19
N LYS B 227 2.01 12.37 -24.21
CA LYS B 227 2.53 12.17 -25.56
C LYS B 227 3.25 13.40 -26.07
N THR B 228 2.72 14.58 -25.76
CA THR B 228 3.35 15.82 -26.19
C THR B 228 4.73 15.95 -25.57
N ILE B 229 4.82 15.73 -24.26
CA ILE B 229 6.09 15.82 -23.56
C ILE B 229 7.07 14.78 -24.10
N ILE B 230 6.55 13.65 -24.58
CA ILE B 230 7.39 12.60 -25.14
C ILE B 230 8.10 13.06 -26.42
N SER B 231 7.43 13.90 -27.22
CA SER B 231 8.03 14.38 -28.46
C SER B 231 9.18 15.36 -28.20
N PHE B 232 9.30 15.81 -26.95
CA PHE B 232 10.36 16.74 -26.57
C PHE B 232 11.63 16.02 -26.18
N LEU B 233 11.54 14.71 -26.01
CA LEU B 233 12.70 13.90 -25.61
C LEU B 233 13.79 13.84 -26.68
#